data_6H8M
#
_entry.id   6H8M
#
_cell.length_a   57.752
_cell.length_b   62.902
_cell.length_c   84.526
_cell.angle_alpha   90.00
_cell.angle_beta   90.00
_cell.angle_gamma   90.00
#
_symmetry.space_group_name_H-M   'P 21 21 21'
#
loop_
_entity.id
_entity.type
_entity.pdbx_description
1 polymer Neurotrypsin
2 water water
#
_entity_poly.entity_id   1
_entity_poly.type   'polypeptide(L)'
_entity_poly.pdbx_seq_one_letter_code
;GSGFPIRLVDGENKKEGRVEVFVNGQWGTICDDGWTDKHAAVICRQLGYKGPARARTMAYFGEGKGPIHMDNVKCTGNEK
ALADCVKQDIGRHNCRHSEDAGVICDYLEKKASS
;
_entity_poly.pdbx_strand_id   A,B
#
# COMPACT_ATOMS: atom_id res chain seq x y z
N GLY A 3 -24.32 1.62 14.48
CA GLY A 3 -23.06 1.35 13.77
C GLY A 3 -23.31 1.01 12.32
N PHE A 4 -22.26 0.61 11.65
CA PHE A 4 -22.30 0.29 10.24
C PHE A 4 -22.12 -1.20 10.07
N PRO A 5 -22.89 -1.88 9.22
CA PRO A 5 -22.44 -3.21 8.77
C PRO A 5 -21.13 -3.06 7.97
N ILE A 6 -20.22 -4.04 8.16
CA ILE A 6 -18.93 -4.10 7.50
C ILE A 6 -18.62 -5.53 7.10
N ARG A 7 -17.91 -5.66 5.98
CA ARG A 7 -17.41 -6.97 5.53
C ARG A 7 -16.10 -6.78 4.84
N LEU A 8 -15.30 -7.85 4.78
CA LEU A 8 -14.07 -7.90 4.02
C LEU A 8 -14.27 -8.80 2.76
N VAL A 9 -13.83 -8.31 1.61
CA VAL A 9 -14.07 -8.99 0.33
C VAL A 9 -12.74 -9.18 -0.41
N ASP A 10 -12.63 -10.32 -1.13
CA ASP A 10 -11.54 -10.56 -2.09
C ASP A 10 -10.17 -10.83 -1.43
N GLY A 11 -10.17 -11.17 -0.15
CA GLY A 11 -9.00 -11.64 0.57
C GLY A 11 -8.77 -13.12 0.33
N GLU A 12 -7.60 -13.60 0.75
CA GLU A 12 -7.30 -15.08 0.62
C GLU A 12 -8.02 -15.86 1.71
N ASN A 13 -8.43 -15.21 2.79
CA ASN A 13 -9.18 -15.82 3.88
C ASN A 13 -10.09 -14.74 4.50
N LYS A 14 -10.89 -15.11 5.50
CA LYS A 14 -11.96 -14.22 5.96
C LYS A 14 -11.38 -13.12 6.85
N LYS A 15 -10.10 -13.20 7.21
CA LYS A 15 -9.48 -12.22 8.09
C LYS A 15 -8.80 -11.09 7.31
N GLU A 16 -8.93 -11.01 5.98
CA GLU A 16 -8.34 -9.93 5.24
C GLU A 16 -9.19 -9.65 3.99
N GLY A 17 -9.09 -8.44 3.49
CA GLY A 17 -9.69 -8.10 2.21
C GLY A 17 -10.00 -6.61 2.11
N ARG A 18 -10.68 -6.23 1.02
CA ARG A 18 -11.12 -4.83 0.81
C ARG A 18 -12.29 -4.57 1.76
N VAL A 19 -12.28 -3.44 2.46
CA VAL A 19 -13.35 -3.06 3.43
C VAL A 19 -14.57 -2.56 2.67
N GLU A 20 -15.74 -3.20 2.92
CA GLU A 20 -16.98 -2.69 2.40
C GLU A 20 -17.89 -2.36 3.58
N VAL A 21 -18.66 -1.28 3.41
CA VAL A 21 -19.54 -0.83 4.45
C VAL A 21 -20.92 -0.56 3.86
N PHE A 22 -21.97 -0.80 4.65
CA PHE A 22 -23.32 -0.72 4.15
C PHE A 22 -23.97 0.56 4.70
N VAL A 23 -24.25 1.48 3.79
CA VAL A 23 -24.68 2.86 4.09
C VAL A 23 -25.70 3.25 3.03
N ASN A 24 -26.80 3.91 3.40
CA ASN A 24 -27.73 4.43 2.42
C ASN A 24 -28.19 3.35 1.45
N GLY A 25 -28.45 2.15 1.97
CA GLY A 25 -29.08 1.07 1.23
C GLY A 25 -28.12 0.33 0.32
N GLN A 26 -26.82 0.64 0.34
CA GLN A 26 -25.88 -0.03 -0.58
C GLN A 26 -24.55 -0.37 0.08
N TRP A 27 -23.96 -1.48 -0.39
CA TRP A 27 -22.58 -1.77 -0.06
C TRP A 27 -21.64 -0.85 -0.85
N GLY A 28 -20.62 -0.29 -0.20
CA GLY A 28 -19.64 0.55 -0.91
C GLY A 28 -18.33 0.55 -0.19
N THR A 29 -17.36 1.27 -0.72
CA THR A 29 -15.98 1.15 -0.25
C THR A 29 -15.58 2.38 0.54
N ILE A 30 -14.32 2.35 0.98
CA ILE A 30 -13.69 3.41 1.73
C ILE A 30 -12.40 3.81 1.02
N CYS A 31 -12.22 5.11 0.79
CA CYS A 31 -11.00 5.66 0.18
C CYS A 31 -9.79 5.51 1.13
N ASP A 32 -8.61 5.24 0.57
CA ASP A 32 -7.42 4.97 1.38
C ASP A 32 -6.70 6.25 1.80
N ASP A 33 -7.23 7.45 1.45
CA ASP A 33 -6.57 8.69 1.77
C ASP A 33 -6.54 8.78 3.31
N GLY A 34 -5.34 8.83 3.86
CA GLY A 34 -5.22 8.87 5.31
C GLY A 34 -5.45 7.53 6.01
N TRP A 35 -5.56 6.40 5.27
CA TRP A 35 -5.88 5.12 5.85
C TRP A 35 -4.57 4.48 6.37
N THR A 36 -4.54 4.11 7.64
CA THR A 36 -3.31 3.58 8.27
C THR A 36 -3.67 2.36 9.12
N ASP A 37 -2.69 1.88 9.89
CA ASP A 37 -2.86 0.71 10.79
C ASP A 37 -3.91 1.01 11.87
N LYS A 38 -4.04 2.27 12.32
CA LYS A 38 -5.08 2.64 13.31
C LYS A 38 -6.46 2.34 12.71
N HIS A 39 -6.72 2.69 11.44
CA HIS A 39 -7.97 2.32 10.82
C HIS A 39 -8.17 0.82 10.77
N ALA A 40 -7.12 0.09 10.41
CA ALA A 40 -7.19 -1.33 10.32
C ALA A 40 -7.49 -1.95 11.67
N ALA A 41 -6.94 -1.38 12.75
CA ALA A 41 -7.19 -1.89 14.12
C ALA A 41 -8.70 -1.78 14.42
N VAL A 42 -9.32 -0.67 14.01
CA VAL A 42 -10.66 -0.41 14.33
C VAL A 42 -11.59 -1.36 13.53
N ILE A 43 -11.33 -1.50 12.24
CA ILE A 43 -12.13 -2.45 11.45
C ILE A 43 -12.03 -3.86 12.02
N CYS A 44 -10.80 -4.31 12.27
CA CYS A 44 -10.56 -5.64 12.76
C CYS A 44 -11.20 -5.87 14.15
N ARG A 45 -11.15 -4.84 15.01
CA ARG A 45 -11.80 -4.88 16.34
C ARG A 45 -13.31 -5.06 16.18
N GLN A 46 -13.95 -4.29 15.31
CA GLN A 46 -15.35 -4.38 15.11
C GLN A 46 -15.73 -5.79 14.61
N LEU A 47 -14.90 -6.39 13.77
CA LEU A 47 -15.14 -7.72 13.24
C LEU A 47 -14.87 -8.83 14.26
N GLY A 48 -14.32 -8.47 15.42
CA GLY A 48 -14.16 -9.42 16.51
C GLY A 48 -12.78 -10.01 16.60
N TYR A 49 -11.78 -9.46 15.87
CA TYR A 49 -10.42 -9.90 15.95
C TYR A 49 -9.70 -9.03 17.01
N LYS A 50 -8.71 -9.63 17.67
CA LYS A 50 -8.07 -9.05 18.84
C LYS A 50 -6.59 -8.75 18.60
N GLY A 51 -6.00 -9.38 17.59
CA GLY A 51 -4.54 -9.31 17.36
C GLY A 51 -4.11 -8.06 16.59
N PRO A 52 -2.83 -8.01 16.17
CA PRO A 52 -2.29 -6.87 15.43
C PRO A 52 -3.03 -6.79 14.08
N ALA A 53 -3.28 -5.57 13.59
CA ALA A 53 -3.93 -5.40 12.22
C ALA A 53 -3.02 -4.55 11.36
N ARG A 54 -3.10 -4.72 10.05
CA ARG A 54 -2.28 -3.89 9.13
C ARG A 54 -3.16 -3.37 7.99
N ALA A 55 -3.00 -2.08 7.65
CA ALA A 55 -3.72 -1.53 6.49
C ALA A 55 -3.15 -2.11 5.18
N ARG A 56 -4.04 -2.22 4.15
CA ARG A 56 -3.56 -2.40 2.80
C ARG A 56 -4.28 -1.40 1.92
N THR A 57 -3.54 -0.66 1.09
CA THR A 57 -4.08 0.55 0.41
C THR A 57 -4.09 0.28 -1.09
N MET A 58 -4.58 1.24 -1.84
CA MET A 58 -4.54 1.27 -3.29
C MET A 58 -5.10 -0.03 -3.88
N ALA A 59 -6.33 -0.40 -3.45
CA ALA A 59 -7.07 -1.52 -4.01
C ALA A 59 -6.18 -2.76 -4.08
N TYR A 60 -5.56 -3.08 -2.94
CA TYR A 60 -4.59 -4.18 -2.84
C TYR A 60 -5.22 -5.50 -3.19
N PHE A 61 -6.43 -5.75 -2.69
CA PHE A 61 -7.17 -6.92 -2.97
C PHE A 61 -8.04 -6.82 -4.23
N GLY A 62 -7.98 -5.71 -4.96
CA GLY A 62 -8.92 -5.54 -6.03
C GLY A 62 -9.78 -4.34 -5.76
N GLU A 63 -10.32 -3.81 -6.85
CA GLU A 63 -11.17 -2.63 -6.78
C GLU A 63 -12.55 -3.06 -6.42
N GLY A 64 -13.25 -2.22 -5.67
CA GLY A 64 -14.71 -2.46 -5.44
C GLY A 64 -15.52 -1.76 -6.54
N LYS A 65 -16.82 -1.87 -6.44
CA LYS A 65 -17.69 -1.17 -7.40
C LYS A 65 -18.77 -0.43 -6.62
N GLY A 66 -19.52 0.44 -7.29
CA GLY A 66 -20.58 1.14 -6.55
C GLY A 66 -20.02 2.31 -5.75
N PRO A 67 -20.72 2.79 -4.70
CA PRO A 67 -20.36 4.04 -4.05
C PRO A 67 -19.05 3.91 -3.29
N ILE A 68 -18.36 5.02 -3.19
CA ILE A 68 -17.30 5.19 -2.22
C ILE A 68 -17.88 5.98 -1.06
N HIS A 69 -18.18 5.30 0.02
CA HIS A 69 -19.03 5.86 1.08
C HIS A 69 -18.26 6.84 1.95
N MET A 70 -16.96 6.59 2.19
CA MET A 70 -16.22 7.45 3.10
C MET A 70 -14.86 7.74 2.47
N ASP A 71 -14.40 8.96 2.67
CA ASP A 71 -13.31 9.63 1.93
C ASP A 71 -12.13 9.90 2.84
N ASN A 72 -12.39 10.32 4.09
CA ASN A 72 -11.33 10.66 5.00
C ASN A 72 -11.76 10.42 6.43
N VAL A 73 -11.54 9.21 6.88
CA VAL A 73 -11.89 8.79 8.21
C VAL A 73 -10.70 9.14 9.10
N LYS A 74 -10.94 9.72 10.29
CA LYS A 74 -9.92 9.93 11.33
C LYS A 74 -10.21 8.98 12.49
N CYS A 75 -9.26 8.10 12.80
CA CYS A 75 -9.38 7.10 13.87
C CYS A 75 -8.17 7.37 14.80
N THR A 76 -8.37 7.26 16.12
CA THR A 76 -7.24 7.16 17.06
C THR A 76 -6.59 5.76 16.98
N GLY A 77 -7.37 4.71 16.60
CA GLY A 77 -6.90 3.34 16.66
C GLY A 77 -7.50 2.54 17.80
N ASN A 78 -8.15 3.24 18.74
CA ASN A 78 -8.68 2.65 19.94
C ASN A 78 -10.18 2.35 19.84
N GLU A 79 -10.85 2.83 18.79
CA GLU A 79 -12.33 2.75 18.69
C GLU A 79 -12.74 1.28 18.59
N LYS A 80 -13.93 0.96 19.11
CA LYS A 80 -14.48 -0.39 19.06
C LYS A 80 -15.22 -0.57 17.74
N ALA A 81 -15.48 0.51 17.01
CA ALA A 81 -16.36 0.42 15.83
C ALA A 81 -16.07 1.60 14.91
N LEU A 82 -16.19 1.36 13.61
CA LEU A 82 -15.90 2.35 12.60
C LEU A 82 -16.77 3.60 12.83
N ALA A 83 -18.00 3.38 13.29
CA ALA A 83 -19.00 4.47 13.52
C ALA A 83 -18.46 5.49 14.51
N ASP A 84 -17.58 5.07 15.41
CA ASP A 84 -17.05 5.96 16.48
C ASP A 84 -15.87 6.76 15.96
N CYS A 85 -15.32 6.40 14.79
CA CYS A 85 -14.27 7.26 14.20
C CYS A 85 -14.95 8.56 13.78
N VAL A 86 -14.19 9.57 13.39
CA VAL A 86 -14.77 10.90 13.04
C VAL A 86 -14.49 11.16 11.55
N LYS A 87 -15.48 11.70 10.85
CA LYS A 87 -15.32 12.08 9.43
C LYS A 87 -14.57 13.40 9.38
N GLN A 88 -13.91 13.67 8.24
CA GLN A 88 -13.14 14.90 8.00
C GLN A 88 -13.48 15.44 6.61
N ASP A 89 -13.68 16.77 6.52
CA ASP A 89 -13.69 17.50 5.25
C ASP A 89 -12.27 18.00 4.96
N ILE A 90 -11.40 17.05 4.59
CA ILE A 90 -10.01 17.28 4.17
C ILE A 90 -9.87 16.78 2.72
N GLY A 91 -10.40 17.57 1.78
CA GLY A 91 -10.31 17.30 0.34
C GLY A 91 -11.60 17.64 -0.38
N ARG A 92 -11.51 17.74 -1.72
CA ARG A 92 -12.64 17.99 -2.65
C ARG A 92 -13.26 16.66 -3.13
N HIS A 93 -12.79 15.53 -2.57
CA HIS A 93 -13.38 14.19 -2.70
C HIS A 93 -13.31 13.77 -4.17
N ASN A 94 -12.07 13.56 -4.66
CA ASN A 94 -11.86 13.04 -6.00
C ASN A 94 -11.45 11.56 -5.94
N CYS A 95 -11.98 10.76 -5.00
CA CYS A 95 -11.48 9.38 -4.84
C CYS A 95 -12.01 8.46 -5.95
N ARG A 96 -11.25 7.41 -6.32
CA ARG A 96 -11.62 6.42 -7.34
C ARG A 96 -11.44 5.04 -6.68
N HIS A 97 -12.02 4.02 -7.30
CA HIS A 97 -11.97 2.65 -6.73
C HIS A 97 -10.54 2.09 -6.70
N SER A 98 -9.66 2.65 -7.51
CA SER A 98 -8.24 2.32 -7.49
C SER A 98 -7.58 2.65 -6.14
N GLU A 99 -8.24 3.44 -5.27
CA GLU A 99 -7.74 3.85 -3.94
C GLU A 99 -8.53 3.17 -2.81
N ASP A 100 -9.28 2.11 -3.12
CA ASP A 100 -10.09 1.42 -2.11
C ASP A 100 -9.21 0.85 -1.01
N ALA A 101 -9.65 0.99 0.24
CA ALA A 101 -8.89 0.58 1.42
C ALA A 101 -9.19 -0.88 1.77
N GLY A 102 -8.23 -1.46 2.48
CA GLY A 102 -8.30 -2.84 2.90
C GLY A 102 -7.59 -3.05 4.21
N VAL A 103 -7.61 -4.28 4.74
CA VAL A 103 -7.01 -4.64 5.98
C VAL A 103 -6.52 -6.10 5.94
N ILE A 104 -5.59 -6.41 6.86
CA ILE A 104 -5.31 -7.72 7.34
C ILE A 104 -5.47 -7.75 8.84
N CYS A 105 -6.40 -8.56 9.35
CA CYS A 105 -6.60 -8.73 10.77
C CYS A 105 -5.81 -9.94 11.29
N ASP A 106 -5.38 -9.84 12.57
CA ASP A 106 -4.60 -10.89 13.21
C ASP A 106 -3.36 -11.19 12.36
N TYR A 107 -2.66 -10.12 11.97
CA TYR A 107 -1.53 -10.20 11.08
C TYR A 107 -0.42 -10.98 11.79
N LEU A 108 0.16 -11.97 11.10
CA LEU A 108 1.20 -12.87 11.68
C LEU A 108 2.47 -12.75 10.83
N GLU A 109 3.60 -12.40 11.47
CA GLU A 109 4.92 -12.25 10.82
C GLU A 109 4.94 -11.00 9.95
N GLY B 3 5.41 1.55 -17.06
CA GLY B 3 5.11 0.41 -17.98
C GLY B 3 4.35 -0.66 -17.22
N PHE B 4 4.83 -1.01 -16.01
CA PHE B 4 4.20 -2.10 -15.27
C PHE B 4 3.74 -1.57 -13.92
N PRO B 5 2.68 -2.19 -13.39
CA PRO B 5 2.10 -1.70 -12.14
C PRO B 5 3.07 -1.89 -10.97
N ILE B 6 2.93 -0.97 -10.01
CA ILE B 6 3.72 -0.93 -8.77
C ILE B 6 2.79 -0.58 -7.61
N ARG B 7 3.15 -1.07 -6.42
CA ARG B 7 2.41 -0.79 -5.22
C ARG B 7 3.42 -0.67 -4.06
N LEU B 8 3.07 0.18 -3.07
CA LEU B 8 3.89 0.29 -1.85
C LEU B 8 3.15 -0.42 -0.72
N VAL B 9 3.84 -1.35 -0.04
CA VAL B 9 3.17 -2.15 0.96
C VAL B 9 3.91 -2.05 2.32
N ASP B 10 3.12 -2.01 3.38
CA ASP B 10 3.66 -2.16 4.79
C ASP B 10 4.32 -0.87 5.25
N GLY B 11 3.96 0.24 4.60
CA GLY B 11 4.34 1.61 5.10
C GLY B 11 3.44 2.05 6.21
N GLU B 12 3.75 3.20 6.83
CA GLU B 12 2.83 3.80 7.81
C GLU B 12 1.59 4.41 7.13
N ASN B 13 1.73 4.75 5.85
CA ASN B 13 0.62 5.25 5.00
C ASN B 13 0.93 4.87 3.56
N LYS B 14 0.06 5.26 2.62
CA LYS B 14 0.17 4.77 1.24
C LYS B 14 1.33 5.46 0.52
N LYS B 15 1.90 6.54 1.10
CA LYS B 15 3.00 7.19 0.38
C LYS B 15 4.38 6.62 0.67
N GLU B 16 4.46 5.51 1.41
CA GLU B 16 5.73 4.95 1.64
C GLU B 16 5.52 3.43 1.80
N GLY B 17 6.60 2.69 1.57
CA GLY B 17 6.60 1.28 1.84
C GLY B 17 7.53 0.51 0.96
N ARG B 18 7.45 -0.81 1.10
CA ARG B 18 8.21 -1.76 0.30
C ARG B 18 7.69 -1.71 -1.13
N VAL B 19 8.59 -1.63 -2.12
CA VAL B 19 8.18 -1.53 -3.50
C VAL B 19 7.89 -2.93 -4.06
N GLU B 20 6.70 -3.12 -4.63
CA GLU B 20 6.32 -4.38 -5.24
C GLU B 20 5.89 -4.05 -6.67
N VAL B 21 6.28 -4.93 -7.59
CA VAL B 21 6.05 -4.59 -9.02
C VAL B 21 5.46 -5.85 -9.66
N PHE B 22 4.61 -5.60 -10.68
CA PHE B 22 3.87 -6.71 -11.30
C PHE B 22 4.48 -6.96 -12.68
N VAL B 23 5.18 -8.09 -12.80
CA VAL B 23 5.97 -8.40 -14.00
C VAL B 23 5.66 -9.84 -14.41
N ASN B 24 5.32 -10.05 -15.68
CA ASN B 24 5.06 -11.40 -16.22
C ASN B 24 4.07 -12.12 -15.34
N GLY B 25 3.00 -11.43 -15.01
CA GLY B 25 1.88 -12.07 -14.30
C GLY B 25 2.12 -12.38 -12.86
N GLN B 26 3.15 -11.80 -12.21
CA GLN B 26 3.37 -12.03 -10.79
C GLN B 26 3.81 -10.76 -10.05
N TRP B 27 3.32 -10.57 -8.84
CA TRP B 27 3.83 -9.53 -7.95
C TRP B 27 5.16 -10.01 -7.34
N GLY B 28 6.14 -9.11 -7.31
CA GLY B 28 7.43 -9.45 -6.72
C GLY B 28 8.11 -8.20 -6.21
N THR B 29 9.28 -8.35 -5.62
CA THR B 29 9.97 -7.27 -4.91
C THR B 29 11.18 -6.89 -5.75
N ILE B 30 11.94 -5.90 -5.21
CA ILE B 30 13.12 -5.35 -5.87
C ILE B 30 14.26 -5.40 -4.86
N CYS B 31 15.41 -5.91 -5.28
CA CYS B 31 16.62 -6.00 -4.45
C CYS B 31 17.16 -4.59 -4.16
N ASP B 32 17.73 -4.37 -2.96
CA ASP B 32 18.21 -3.03 -2.60
C ASP B 32 19.63 -2.77 -3.13
N ASP B 33 20.22 -3.73 -3.86
CA ASP B 33 21.60 -3.62 -4.35
C ASP B 33 21.65 -2.46 -5.36
N GLY B 34 22.31 -1.38 -4.98
CA GLY B 34 22.38 -0.19 -5.81
C GLY B 34 21.07 0.61 -5.83
N TRP B 35 20.16 0.37 -4.87
CA TRP B 35 18.94 1.14 -4.77
C TRP B 35 19.23 2.47 -4.07
N THR B 36 18.90 3.58 -4.74
CA THR B 36 19.28 4.93 -4.36
C THR B 36 18.05 5.84 -4.30
N ASP B 37 18.23 7.03 -3.74
CA ASP B 37 17.17 8.07 -3.81
C ASP B 37 16.76 8.40 -5.26
N LYS B 38 17.61 8.15 -6.28
CA LYS B 38 17.15 8.29 -7.66
C LYS B 38 16.09 7.26 -8.04
N HIS B 39 16.28 6.00 -7.66
CA HIS B 39 15.27 4.98 -7.87
C HIS B 39 13.97 5.38 -7.17
N ALA B 40 14.07 5.84 -5.91
CA ALA B 40 12.91 6.29 -5.17
C ALA B 40 12.15 7.41 -5.92
N ALA B 41 12.89 8.34 -6.54
CA ALA B 41 12.26 9.45 -7.33
C ALA B 41 11.42 8.88 -8.48
N VAL B 42 11.92 7.82 -9.14
CA VAL B 42 11.26 7.27 -10.28
C VAL B 42 10.00 6.55 -9.81
N ILE B 43 10.12 5.75 -8.75
CA ILE B 43 8.92 5.07 -8.21
C ILE B 43 7.83 6.08 -7.85
N CYS B 44 8.22 7.10 -7.08
CA CYS B 44 7.32 8.06 -6.55
C CYS B 44 6.69 8.89 -7.69
N ARG B 45 7.46 9.16 -8.75
CA ARG B 45 6.93 9.89 -9.93
C ARG B 45 5.85 9.04 -10.63
N GLN B 46 6.09 7.74 -10.79
CA GLN B 46 5.16 6.85 -11.44
C GLN B 46 3.85 6.79 -10.66
N LEU B 47 3.92 6.93 -9.33
CA LEU B 47 2.74 6.88 -8.47
C LEU B 47 2.06 8.25 -8.37
N GLY B 48 2.68 9.28 -8.92
CA GLY B 48 2.07 10.59 -9.03
C GLY B 48 2.44 11.56 -7.94
N TYR B 49 3.48 11.26 -7.15
CA TYR B 49 4.03 12.20 -6.14
C TYR B 49 5.14 13.01 -6.80
N LYS B 50 5.22 14.31 -6.49
CA LYS B 50 6.18 15.21 -7.16
C LYS B 50 7.29 15.67 -6.21
N GLY B 51 7.05 15.56 -4.89
CA GLY B 51 7.99 16.09 -3.90
C GLY B 51 9.23 15.22 -3.72
N PRO B 52 9.99 15.46 -2.63
CA PRO B 52 11.26 14.78 -2.39
C PRO B 52 10.97 13.30 -2.16
N ALA B 53 11.86 12.42 -2.60
CA ALA B 53 11.71 10.95 -2.35
C ALA B 53 12.98 10.46 -1.65
N ARG B 54 12.82 9.44 -0.80
CA ARG B 54 13.97 8.81 -0.19
C ARG B 54 13.90 7.32 -0.41
N ALA B 55 15.07 6.71 -0.60
CA ALA B 55 15.16 5.25 -0.61
C ALA B 55 15.27 4.69 0.80
N ARG B 56 14.70 3.51 1.02
CA ARG B 56 14.96 2.74 2.22
C ARG B 56 15.37 1.34 1.79
N THR B 57 16.36 0.76 2.48
CA THR B 57 16.98 -0.53 2.11
C THR B 57 16.85 -1.53 3.26
N MET B 58 17.35 -2.75 3.03
N MET B 58 17.33 -2.75 3.05
CA MET B 58 17.49 -3.79 4.05
CA MET B 58 17.48 -3.78 4.08
C MET B 58 16.10 -4.13 4.59
C MET B 58 16.08 -4.10 4.62
N ALA B 59 15.09 -4.25 3.72
CA ALA B 59 13.73 -4.61 4.16
C ALA B 59 13.25 -3.75 5.33
N TYR B 60 13.35 -2.43 5.17
CA TYR B 60 13.04 -1.47 6.17
C TYR B 60 11.58 -1.57 6.59
N PHE B 61 10.72 -1.84 5.63
CA PHE B 61 9.29 -2.01 5.86
C PHE B 61 8.91 -3.48 5.97
N GLY B 62 9.86 -4.37 6.21
CA GLY B 62 9.61 -5.79 6.30
C GLY B 62 9.89 -6.48 4.97
N GLU B 63 10.04 -7.78 5.03
CA GLU B 63 10.33 -8.61 3.87
C GLU B 63 9.05 -8.87 3.10
N GLY B 64 9.18 -8.90 1.78
CA GLY B 64 8.04 -9.39 0.97
C GLY B 64 8.20 -10.84 0.64
N LYS B 65 7.51 -11.25 -0.41
CA LYS B 65 7.35 -12.63 -0.81
C LYS B 65 7.40 -12.71 -2.33
N GLY B 66 7.52 -13.92 -2.87
CA GLY B 66 7.44 -14.05 -4.29
C GLY B 66 8.79 -13.82 -4.95
N PRO B 67 8.75 -13.59 -6.27
CA PRO B 67 9.95 -13.31 -7.06
C PRO B 67 10.61 -12.02 -6.66
N ILE B 68 11.91 -11.96 -6.88
CA ILE B 68 12.63 -10.76 -6.74
C ILE B 68 12.95 -10.26 -8.16
N HIS B 69 12.20 -9.26 -8.60
CA HIS B 69 11.99 -8.98 -10.05
C HIS B 69 13.12 -8.15 -10.62
N MET B 70 13.47 -7.06 -9.93
CA MET B 70 14.45 -6.11 -10.49
C MET B 70 15.83 -6.33 -9.89
N ASP B 71 16.84 -6.49 -10.76
CA ASP B 71 18.24 -6.66 -10.30
C ASP B 71 19.11 -5.56 -10.92
N ASN B 72 19.73 -4.75 -10.07
CA ASN B 72 20.70 -3.72 -10.49
C ASN B 72 20.26 -2.95 -11.74
N VAL B 73 19.08 -2.34 -11.64
CA VAL B 73 18.60 -1.44 -12.66
C VAL B 73 19.25 -0.07 -12.42
N LYS B 74 19.57 0.59 -13.53
CA LYS B 74 20.19 1.91 -13.59
C LYS B 74 19.12 2.93 -13.96
N CYS B 75 18.92 3.91 -13.08
CA CYS B 75 18.03 5.01 -13.29
C CYS B 75 18.87 6.30 -13.29
N THR B 76 18.55 7.25 -14.16
CA THR B 76 19.06 8.63 -14.03
C THR B 76 18.38 9.32 -12.85
N GLY B 77 17.11 8.97 -12.58
CA GLY B 77 16.29 9.67 -11.61
C GLY B 77 15.21 10.50 -12.29
N ASN B 78 15.25 10.60 -13.63
CA ASN B 78 14.36 11.44 -14.41
C ASN B 78 13.25 10.63 -15.10
N GLU B 79 13.34 9.29 -15.06
CA GLU B 79 12.39 8.44 -15.78
C GLU B 79 11.01 8.61 -15.16
N LYS B 80 9.98 8.46 -16.00
CA LYS B 80 8.61 8.60 -15.55
C LYS B 80 8.11 7.24 -15.04
N ALA B 81 8.87 6.18 -15.32
CA ALA B 81 8.44 4.86 -14.96
C ALA B 81 9.66 3.96 -14.78
N LEU B 82 9.55 3.05 -13.82
CA LEU B 82 10.60 2.11 -13.53
C LEU B 82 10.99 1.34 -14.79
N ALA B 83 9.97 0.98 -15.59
CA ALA B 83 10.13 0.19 -16.83
C ALA B 83 11.10 0.88 -17.80
N ASP B 84 11.21 2.22 -17.74
CA ASP B 84 12.11 2.98 -18.65
C ASP B 84 13.53 3.01 -18.11
N CYS B 85 13.76 2.58 -16.87
CA CYS B 85 15.13 2.45 -16.40
C CYS B 85 15.77 1.31 -17.18
N VAL B 86 17.09 1.13 -17.07
CA VAL B 86 17.87 0.23 -17.90
C VAL B 86 18.40 -0.92 -17.03
N LYS B 87 18.28 -2.15 -17.56
CA LYS B 87 18.78 -3.37 -16.90
C LYS B 87 20.29 -3.46 -17.14
N GLN B 88 20.99 -4.34 -16.41
CA GLN B 88 22.47 -4.33 -16.40
C GLN B 88 23.03 -5.69 -16.82
N ASP B 89 24.01 -5.65 -17.71
CA ASP B 89 24.91 -6.77 -18.02
C ASP B 89 25.23 -7.52 -16.71
N ILE B 90 26.06 -6.87 -15.88
CA ILE B 90 26.40 -7.44 -14.55
C ILE B 90 25.08 -7.49 -13.79
N GLY B 91 24.72 -8.66 -13.23
CA GLY B 91 23.42 -8.77 -12.56
C GLY B 91 23.05 -10.20 -12.25
N ARG B 92 21.75 -10.45 -12.04
CA ARG B 92 21.17 -11.78 -11.68
C ARG B 92 21.77 -12.26 -10.35
N HIS B 93 21.98 -11.34 -9.41
CA HIS B 93 22.53 -11.66 -8.06
C HIS B 93 21.46 -12.46 -7.31
N ASN B 94 21.87 -13.40 -6.47
CA ASN B 94 20.88 -14.23 -5.74
C ASN B 94 20.41 -13.46 -4.50
N CYS B 95 19.69 -12.33 -4.71
CA CYS B 95 19.18 -11.59 -3.58
C CYS B 95 18.19 -12.41 -2.73
N ARG B 96 17.97 -11.91 -1.51
CA ARG B 96 17.04 -12.50 -0.51
C ARG B 96 16.05 -11.39 -0.10
N HIS B 97 14.86 -11.79 0.37
CA HIS B 97 13.80 -10.83 0.73
C HIS B 97 14.29 -9.92 1.87
N SER B 98 15.33 -10.34 2.62
CA SER B 98 15.94 -9.46 3.63
C SER B 98 16.58 -8.19 3.01
N GLU B 99 16.76 -8.18 1.67
CA GLU B 99 17.34 -7.02 0.96
C GLU B 99 16.25 -6.20 0.19
N ASP B 100 14.99 -6.45 0.48
CA ASP B 100 13.86 -5.82 -0.33
C ASP B 100 13.92 -4.30 -0.18
N ALA B 101 13.74 -3.61 -1.32
CA ALA B 101 13.85 -2.14 -1.37
C ALA B 101 12.55 -1.44 -1.01
N GLY B 102 12.64 -0.18 -0.57
CA GLY B 102 11.49 0.58 -0.28
C GLY B 102 11.68 2.05 -0.55
N VAL B 103 10.59 2.81 -0.40
CA VAL B 103 10.67 4.27 -0.62
C VAL B 103 9.83 5.03 0.40
N ILE B 104 10.10 6.33 0.50
CA ILE B 104 9.25 7.28 1.10
C ILE B 104 9.01 8.41 0.10
N CYS B 105 7.75 8.59 -0.30
CA CYS B 105 7.40 9.66 -1.26
C CYS B 105 6.89 10.87 -0.51
N ASP B 106 7.13 12.04 -1.09
CA ASP B 106 6.83 13.34 -0.48
C ASP B 106 7.43 13.41 0.93
N TYR B 107 8.72 13.08 1.01
CA TYR B 107 9.46 12.97 2.26
C TYR B 107 9.51 14.33 2.96
N LEU B 108 9.18 14.36 4.25
CA LEU B 108 9.36 15.54 5.13
C LEU B 108 9.97 15.08 6.46
N GLU B 109 11.04 15.73 6.91
CA GLU B 109 11.61 15.58 8.28
C GLU B 109 12.32 14.22 8.40
#